data_8VIV
#
_entry.id   8VIV
#
_cell.length_a   98.569
_cell.length_b   98.569
_cell.length_c   107.140
_cell.angle_alpha   90.000
_cell.angle_beta   90.000
_cell.angle_gamma   120.000
#
_symmetry.space_group_name_H-M   'P 61'
#
loop_
_entity.id
_entity.type
_entity.pdbx_description
1 polymer 'Fem-3 mRNA-binding factor 2'
2 polymer "RNA (5'-R(*CP*AP*UP*GP*UP*UP*GP*CP*CP*AP*U)-3')"
3 water water
#
loop_
_entity_poly.entity_id
_entity_poly.type
_entity_poly.pdbx_seq_one_letter_code
_entity_poly.pdbx_strand_id
1 'polypeptide(L)'
;GSNNVLPTWSLDSNGEMRSRLSLSEVLDSGDLMKFAVDKTGCQFLEKAVKGSLTSYQKFQLFEQVIGRKDDFLKLSTNIF
GNYLVQSVIGISLATNDDGYTKRQEKLKNFISSQMTDMCLDKFACRVIQSSLQNMDLSLACKLVQALPRDARLIAICVDQ
NANHVIQKVVAVIPLKNWEFIVDFVATPEHLRQICSDKYGCRVVQTIIEKLTADSMNVDLTSAAQNLRERALQRLMTSVT
NRCQELATNEYANYIIQHIVSNDDLAVYRECIIEKCLMRNLLSLSQEKFASHVVEKAFLHAPLELLAEMMDEIFDGYIPH
PDTGKDALDIMMFHQFGNYVVQCMLTICCDAVSGRRQTKEGGYDHAISFQDWLKKLHSRVTKERHRLSRFSSGKKMIETL
ANLRSTHPIYELQ
;
A
2 'polyribonucleotide' CAUGUUGCCAU B
#
loop_
_chem_comp.id
_chem_comp.type
_chem_comp.name
_chem_comp.formula
A RNA linking ADENOSINE-5'-MONOPHOSPHATE 'C10 H14 N5 O7 P'
C RNA linking CYTIDINE-5'-MONOPHOSPHATE 'C9 H14 N3 O8 P'
G RNA linking GUANOSINE-5'-MONOPHOSPHATE 'C10 H14 N5 O8 P'
U RNA linking URIDINE-5'-MONOPHOSPHATE 'C9 H13 N2 O9 P'
#
# COMPACT_ATOMS: atom_id res chain seq x y z
N VAL A 5 32.71 0.06 -26.84
CA VAL A 5 32.68 0.54 -25.47
C VAL A 5 33.54 -0.35 -24.60
N LEU A 6 33.69 -1.62 -25.01
CA LEU A 6 34.51 -2.56 -24.28
C LEU A 6 35.99 -2.41 -24.67
N PRO A 7 36.91 -2.68 -23.73
CA PRO A 7 38.33 -2.58 -24.07
C PRO A 7 38.74 -3.67 -25.05
N THR A 8 39.56 -3.26 -26.03
CA THR A 8 39.85 -4.12 -27.17
C THR A 8 40.58 -5.41 -26.79
N TRP A 9 41.23 -5.45 -25.63
CA TRP A 9 41.94 -6.66 -25.24
C TRP A 9 41.02 -7.84 -24.92
N SER A 10 39.69 -7.62 -24.93
CA SER A 10 38.73 -8.66 -24.58
C SER A 10 37.86 -9.10 -25.75
N LEU A 11 38.00 -8.47 -26.92
CA LEU A 11 37.12 -8.78 -28.04
C LEU A 11 37.76 -9.82 -28.96
N ASP A 12 36.94 -10.35 -29.87
CA ASP A 12 37.37 -11.31 -30.87
C ASP A 12 37.69 -10.58 -32.18
N SER A 13 38.02 -11.37 -33.21
CA SER A 13 38.08 -10.84 -34.56
C SER A 13 36.69 -10.51 -35.11
N ASN A 14 35.63 -10.95 -34.43
CA ASN A 14 34.26 -10.66 -34.81
C ASN A 14 33.63 -9.58 -33.94
N GLY A 15 34.34 -9.08 -32.93
CA GLY A 15 33.83 -8.06 -32.06
C GLY A 15 33.16 -8.56 -30.80
N GLU A 16 33.22 -9.86 -30.52
CA GLU A 16 32.61 -10.44 -29.34
C GLU A 16 33.70 -10.87 -28.36
N MET A 17 33.28 -11.14 -27.13
CA MET A 17 34.22 -11.52 -26.08
C MET A 17 34.78 -12.91 -26.34
N ARG A 18 36.04 -13.09 -25.96
CA ARG A 18 36.67 -14.40 -26.07
C ARG A 18 36.01 -15.38 -25.13
N SER A 19 35.85 -16.63 -25.59
CA SER A 19 35.17 -17.63 -24.79
C SER A 19 35.96 -17.96 -23.53
N ARG A 20 37.30 -17.96 -23.62
CA ARG A 20 38.16 -18.26 -22.50
C ARG A 20 38.49 -17.03 -21.67
N LEU A 21 37.68 -15.97 -21.76
CA LEU A 21 37.85 -14.81 -20.91
C LEU A 21 37.48 -15.17 -19.47
N SER A 22 38.32 -14.75 -18.52
CA SER A 22 38.14 -15.11 -17.12
C SER A 22 37.83 -13.86 -16.29
N LEU A 23 37.30 -14.12 -15.09
CA LEU A 23 36.94 -13.03 -14.18
C LEU A 23 38.19 -12.33 -13.64
N SER A 24 39.27 -13.08 -13.41
CA SER A 24 40.49 -12.47 -12.89
C SER A 24 41.07 -11.47 -13.89
N GLU A 25 40.98 -11.78 -15.18
CA GLU A 25 41.48 -10.85 -16.20
C GLU A 25 40.75 -9.52 -16.13
N VAL A 26 39.43 -9.54 -15.93
CA VAL A 26 38.67 -8.30 -15.81
C VAL A 26 39.05 -7.57 -14.52
N LEU A 27 39.14 -8.31 -13.41
CA LEU A 27 39.44 -7.68 -12.13
C LEU A 27 40.84 -7.08 -12.11
N ASP A 28 41.82 -7.76 -12.69
CA ASP A 28 43.19 -7.26 -12.68
C ASP A 28 43.40 -6.11 -13.66
N SER A 29 42.54 -5.96 -14.67
CA SER A 29 42.76 -4.97 -15.71
C SER A 29 42.41 -3.55 -15.28
N GLY A 30 41.61 -3.39 -14.23
CA GLY A 30 41.14 -2.07 -13.85
C GLY A 30 40.01 -1.54 -14.68
N ASP A 31 39.44 -2.36 -15.57
CA ASP A 31 38.39 -1.92 -16.49
C ASP A 31 37.03 -2.54 -16.16
N LEU A 32 36.81 -2.91 -14.90
CA LEU A 32 35.54 -3.53 -14.52
C LEU A 32 34.36 -2.59 -14.78
N MET A 33 34.56 -1.28 -14.59
CA MET A 33 33.47 -0.33 -14.79
C MET A 33 33.00 -0.31 -16.25
N LYS A 34 33.90 -0.57 -17.19
CA LYS A 34 33.49 -0.63 -18.60
C LYS A 34 32.66 -1.86 -18.89
N PHE A 35 32.89 -2.97 -18.17
CA PHE A 35 32.09 -4.16 -18.37
C PHE A 35 30.75 -4.07 -17.66
N ALA A 36 30.72 -3.54 -16.44
CA ALA A 36 29.52 -3.59 -15.63
C ALA A 36 28.40 -2.71 -16.19
N VAL A 37 28.75 -1.64 -16.91
CA VAL A 37 27.74 -0.77 -17.51
C VAL A 37 27.42 -1.15 -18.94
N ASP A 38 28.15 -2.09 -19.51
CA ASP A 38 27.83 -2.61 -20.84
C ASP A 38 26.83 -3.75 -20.72
N LYS A 39 26.03 -3.94 -21.77
CA LYS A 39 25.00 -4.97 -21.77
C LYS A 39 25.60 -6.36 -21.62
N THR A 40 26.24 -6.85 -22.69
CA THR A 40 26.79 -8.19 -22.68
C THR A 40 27.91 -8.35 -21.66
N GLY A 41 28.58 -7.25 -21.27
CA GLY A 41 29.64 -7.34 -20.29
C GLY A 41 29.13 -7.56 -18.88
N CYS A 42 28.04 -6.88 -18.52
CA CYS A 42 27.48 -7.05 -17.18
C CYS A 42 26.99 -8.48 -16.97
N GLN A 43 26.47 -9.10 -18.02
CA GLN A 43 25.95 -10.46 -17.90
C GLN A 43 27.06 -11.48 -17.74
N PHE A 44 28.22 -11.23 -18.37
CA PHE A 44 29.40 -12.04 -18.10
C PHE A 44 29.75 -11.99 -16.62
N LEU A 45 29.73 -10.79 -16.04
CA LEU A 45 30.04 -10.64 -14.62
C LEU A 45 28.96 -11.28 -13.75
N GLU A 46 27.69 -11.21 -14.18
CA GLU A 46 26.61 -11.82 -13.41
C GLU A 46 26.81 -13.32 -13.28
N LYS A 47 27.23 -13.98 -14.36
CA LYS A 47 27.49 -15.42 -14.29
C LYS A 47 28.80 -15.72 -13.57
N ALA A 48 29.81 -14.87 -13.77
CA ALA A 48 31.12 -15.13 -13.19
C ALA A 48 31.09 -15.05 -11.67
N VAL A 49 30.47 -14.02 -11.12
CA VAL A 49 30.50 -13.80 -9.68
C VAL A 49 29.67 -14.82 -8.91
N LYS A 50 28.86 -15.63 -9.57
CA LYS A 50 28.11 -16.67 -8.88
C LYS A 50 28.79 -18.03 -8.96
N GLY A 51 29.95 -18.13 -9.61
CA GLY A 51 30.75 -19.33 -9.57
C GLY A 51 31.62 -19.36 -8.32
N SER A 52 32.56 -20.30 -8.32
CA SER A 52 33.54 -20.36 -7.25
C SER A 52 34.44 -19.13 -7.31
N LEU A 53 34.66 -18.50 -6.16
CA LEU A 53 35.47 -17.31 -6.05
C LEU A 53 36.63 -17.59 -5.10
N THR A 54 37.85 -17.38 -5.59
CA THR A 54 39.01 -17.45 -4.71
C THR A 54 39.00 -16.29 -3.73
N SER A 55 39.83 -16.41 -2.69
CA SER A 55 39.91 -15.36 -1.68
C SER A 55 40.23 -14.01 -2.30
N TYR A 56 41.18 -13.99 -3.25
CA TYR A 56 41.58 -12.73 -3.86
C TYR A 56 40.52 -12.18 -4.81
N GLN A 57 39.78 -13.05 -5.49
CA GLN A 57 38.72 -12.59 -6.37
C GLN A 57 37.63 -11.86 -5.59
N LYS A 58 37.23 -12.43 -4.44
CA LYS A 58 36.33 -11.73 -3.54
C LYS A 58 36.95 -10.41 -3.09
N PHE A 59 38.23 -10.45 -2.72
CA PHE A 59 38.97 -9.23 -2.36
C PHE A 59 38.84 -8.18 -3.45
N GLN A 60 39.06 -8.57 -4.70
CA GLN A 60 38.99 -7.62 -5.81
C GLN A 60 37.55 -7.17 -6.05
N LEU A 61 36.59 -8.10 -6.00
CA LEU A 61 35.19 -7.75 -6.22
C LEU A 61 34.70 -6.75 -5.17
N PHE A 62 34.95 -7.05 -3.90
CA PHE A 62 34.50 -6.16 -2.82
C PHE A 62 35.06 -4.76 -3.01
N GLU A 63 36.36 -4.66 -3.35
CA GLU A 63 37.00 -3.36 -3.44
C GLU A 63 36.44 -2.54 -4.61
N GLN A 64 36.32 -3.16 -5.78
CA GLN A 64 35.96 -2.40 -6.98
C GLN A 64 34.48 -2.11 -7.10
N VAL A 65 33.62 -2.91 -6.46
CA VAL A 65 32.18 -2.78 -6.62
C VAL A 65 31.53 -2.05 -5.44
N ILE A 66 31.90 -2.41 -4.21
CA ILE A 66 31.32 -1.77 -3.04
C ILE A 66 32.37 -1.11 -2.16
N GLY A 67 33.58 -0.91 -2.66
CA GLY A 67 34.64 -0.31 -1.87
C GLY A 67 34.96 1.13 -2.21
N ARG A 68 34.56 1.58 -3.40
CA ARG A 68 34.82 2.94 -3.86
C ARG A 68 33.49 3.68 -3.96
N LYS A 69 33.42 4.87 -3.37
CA LYS A 69 32.14 5.58 -3.25
C LYS A 69 31.59 5.95 -4.62
N ASP A 70 32.36 6.68 -5.41
CA ASP A 70 31.89 7.13 -6.73
CA ASP A 70 31.87 7.13 -6.72
C ASP A 70 31.56 5.95 -7.63
N ASP A 71 32.43 4.93 -7.63
CA ASP A 71 32.16 3.76 -8.46
C ASP A 71 30.91 3.02 -7.99
N PHE A 72 30.69 2.97 -6.67
CA PHE A 72 29.51 2.30 -6.14
C PHE A 72 28.23 3.05 -6.52
N LEU A 73 28.24 4.37 -6.38
CA LEU A 73 27.09 5.18 -6.76
C LEU A 73 26.85 5.11 -8.26
N LYS A 74 27.92 5.10 -9.05
CA LYS A 74 27.77 5.05 -10.50
C LYS A 74 27.18 3.72 -10.95
N LEU A 75 27.58 2.62 -10.31
CA LEU A 75 27.05 1.31 -10.66
C LEU A 75 25.63 1.13 -10.12
N SER A 76 25.35 1.65 -8.91
CA SER A 76 24.03 1.49 -8.33
C SER A 76 22.97 2.22 -9.16
N THR A 77 23.33 3.31 -9.82
CA THR A 77 22.40 4.08 -10.62
C THR A 77 22.47 3.72 -12.10
N ASN A 78 23.06 2.58 -12.44
CA ASN A 78 23.17 2.14 -13.82
C ASN A 78 22.14 1.06 -14.12
N ILE A 79 21.64 1.06 -15.35
CA ILE A 79 20.59 0.13 -15.74
C ILE A 79 21.07 -1.31 -15.68
N PHE A 80 22.37 -1.54 -15.86
CA PHE A 80 22.96 -2.86 -15.75
C PHE A 80 23.75 -3.06 -14.46
N GLY A 81 24.52 -2.04 -14.06
CA GLY A 81 25.44 -2.20 -12.94
C GLY A 81 24.75 -2.43 -11.62
N ASN A 82 23.49 -1.99 -11.48
CA ASN A 82 22.79 -2.17 -10.22
C ASN A 82 22.61 -3.65 -9.89
N TYR A 83 22.49 -4.50 -10.90
CA TYR A 83 22.43 -5.95 -10.66
C TYR A 83 23.75 -6.46 -10.10
N LEU A 84 24.88 -5.96 -10.61
CA LEU A 84 26.17 -6.41 -10.12
C LEU A 84 26.41 -5.98 -8.68
N VAL A 85 25.99 -4.76 -8.34
CA VAL A 85 26.13 -4.28 -6.96
C VAL A 85 25.33 -5.16 -6.01
N GLN A 86 24.11 -5.52 -6.38
CA GLN A 86 23.30 -6.37 -5.52
C GLN A 86 23.92 -7.75 -5.36
N SER A 87 24.53 -8.28 -6.41
CA SER A 87 25.18 -9.58 -6.31
C SER A 87 26.38 -9.54 -5.37
N VAL A 88 27.18 -8.48 -5.46
CA VAL A 88 28.38 -8.38 -4.63
C VAL A 88 28.02 -8.13 -3.18
N ILE A 89 26.96 -7.36 -2.93
CA ILE A 89 26.47 -7.16 -1.57
C ILE A 89 26.09 -8.50 -0.95
N GLY A 90 25.36 -9.32 -1.70
CA GLY A 90 24.99 -10.64 -1.19
C GLY A 90 26.20 -11.50 -0.89
N ILE A 91 27.20 -11.48 -1.77
CA ILE A 91 28.43 -12.22 -1.53
C ILE A 91 29.15 -11.69 -0.29
N SER A 92 29.15 -10.36 -0.13
CA SER A 92 29.86 -9.76 1.00
C SER A 92 29.24 -10.16 2.33
N LEU A 93 27.93 -10.38 2.37
CA LEU A 93 27.25 -10.78 3.59
C LEU A 93 27.27 -12.27 3.83
N ALA A 94 27.63 -13.07 2.82
CA ALA A 94 27.83 -14.50 2.98
C ALA A 94 29.30 -14.87 3.17
N THR A 95 30.19 -13.89 3.17
CA THR A 95 31.63 -14.11 3.33
C THR A 95 32.03 -13.55 4.70
N ASN A 96 32.02 -14.42 5.71
CA ASN A 96 32.33 -14.01 7.08
C ASN A 96 33.84 -14.16 7.32
N ASP A 97 34.59 -13.30 6.64
CA ASP A 97 36.03 -13.21 6.80
C ASP A 97 36.35 -12.06 7.76
N ASP A 98 37.61 -11.60 7.75
CA ASP A 98 38.03 -10.56 8.68
C ASP A 98 37.23 -9.27 8.47
N GLY A 99 37.17 -8.79 7.23
CA GLY A 99 36.55 -7.53 6.93
C GLY A 99 35.05 -7.57 6.76
N TYR A 100 34.38 -8.53 7.39
CA TYR A 100 32.93 -8.62 7.30
C TYR A 100 32.26 -7.40 7.93
N THR A 101 32.86 -6.86 8.99
CA THR A 101 32.29 -5.68 9.63
C THR A 101 32.74 -4.39 8.95
N LYS A 102 33.97 -4.35 8.44
CA LYS A 102 34.43 -3.16 7.74
C LYS A 102 33.63 -2.93 6.46
N ARG A 103 33.39 -3.99 5.69
CA ARG A 103 32.68 -3.84 4.41
C ARG A 103 31.24 -3.41 4.62
N GLN A 104 30.55 -4.01 5.58
CA GLN A 104 29.15 -3.65 5.82
C GLN A 104 29.03 -2.26 6.42
N GLU A 105 30.01 -1.85 7.24
CA GLU A 105 30.01 -0.49 7.76
C GLU A 105 30.26 0.52 6.65
N LYS A 106 31.25 0.25 5.78
CA LYS A 106 31.50 1.13 4.65
C LYS A 106 30.30 1.20 3.72
N LEU A 107 29.65 0.06 3.46
CA LEU A 107 28.47 0.04 2.61
C LEU A 107 27.36 0.90 3.19
N LYS A 108 27.18 0.87 4.52
CA LYS A 108 26.24 1.77 5.18
C LYS A 108 26.59 3.22 4.88
N ASN A 109 27.88 3.57 5.00
CA ASN A 109 28.30 4.95 4.80
C ASN A 109 28.01 5.43 3.39
N PHE A 110 28.39 4.65 2.38
CA PHE A 110 28.14 5.02 0.99
C PHE A 110 26.65 5.27 0.74
N ILE A 111 25.80 4.45 1.36
CA ILE A 111 24.36 4.57 1.12
C ILE A 111 23.78 5.73 1.92
N SER A 112 24.12 5.83 3.20
CA SER A 112 23.56 6.88 4.05
C SER A 112 23.86 8.28 3.49
N SER A 113 25.05 8.45 2.92
CA SER A 113 25.46 9.77 2.44
C SER A 113 24.63 10.26 1.27
N GLN A 114 24.10 9.34 0.46
CA GLN A 114 23.30 9.67 -0.71
C GLN A 114 21.94 9.00 -0.65
N MET A 115 21.35 8.96 0.55
CA MET A 115 20.14 8.16 0.76
C MET A 115 18.98 8.67 -0.09
N THR A 116 18.72 9.97 -0.06
CA THR A 116 17.58 10.51 -0.80
C THR A 116 17.75 10.33 -2.30
N ASP A 117 18.96 10.59 -2.82
CA ASP A 117 19.17 10.50 -4.26
C ASP A 117 19.01 9.08 -4.77
N MET A 118 19.50 8.11 -4.01
CA MET A 118 19.40 6.73 -4.46
C MET A 118 17.99 6.16 -4.28
N CYS A 119 17.28 6.59 -3.24
CA CYS A 119 15.87 6.20 -3.13
C CYS A 119 15.07 6.67 -4.34
N LEU A 120 15.31 7.90 -4.80
CA LEU A 120 14.58 8.44 -5.94
C LEU A 120 15.03 7.86 -7.28
N ASP A 121 16.24 7.29 -7.34
CA ASP A 121 16.74 6.73 -8.59
C ASP A 121 16.07 5.40 -8.89
N LYS A 122 15.69 5.21 -10.15
CA LYS A 122 14.94 4.00 -10.54
C LYS A 122 15.73 2.73 -10.26
N PHE A 123 17.06 2.78 -10.40
CA PHE A 123 17.89 1.59 -10.24
C PHE A 123 18.58 1.52 -8.89
N ALA A 124 18.96 2.66 -8.32
CA ALA A 124 19.63 2.65 -7.03
C ALA A 124 18.67 2.28 -5.90
N CYS A 125 17.37 2.59 -6.07
CA CYS A 125 16.40 2.18 -5.07
C CYS A 125 16.32 0.67 -4.93
N ARG A 126 16.71 -0.07 -5.97
CA ARG A 126 16.82 -1.53 -5.85
C ARG A 126 17.97 -1.92 -4.92
N VAL A 127 19.08 -1.16 -4.98
CA VAL A 127 20.19 -1.41 -4.07
C VAL A 127 19.78 -1.14 -2.63
N ILE A 128 18.95 -0.11 -2.42
CA ILE A 128 18.48 0.20 -1.07
C ILE A 128 17.66 -0.96 -0.52
N GLN A 129 16.66 -1.41 -1.29
CA GLN A 129 15.79 -2.49 -0.82
C GLN A 129 16.57 -3.77 -0.58
N SER A 130 17.51 -4.10 -1.47
CA SER A 130 18.32 -5.29 -1.27
C SER A 130 19.18 -5.17 -0.02
N SER A 131 19.70 -3.98 0.26
CA SER A 131 20.53 -3.79 1.44
C SER A 131 19.70 -3.87 2.72
N LEU A 132 18.51 -3.25 2.71
CA LEU A 132 17.63 -3.34 3.87
C LEU A 132 17.24 -4.79 4.17
N GLN A 133 17.15 -5.62 3.13
CA GLN A 133 16.68 -6.98 3.31
C GLN A 133 17.78 -7.92 3.79
N ASN A 134 19.02 -7.70 3.37
CA ASN A 134 20.10 -8.65 3.63
C ASN A 134 21.11 -8.19 4.66
N MET A 135 21.27 -6.89 4.87
CA MET A 135 22.18 -6.41 5.90
C MET A 135 21.73 -6.91 7.28
N ASP A 136 22.68 -6.93 8.21
CA ASP A 136 22.35 -7.18 9.60
C ASP A 136 21.39 -6.11 10.11
N LEU A 137 20.58 -6.48 11.10
CA LEU A 137 19.55 -5.59 11.61
C LEU A 137 20.14 -4.25 12.05
N SER A 138 21.18 -4.29 12.89
CA SER A 138 21.77 -3.06 13.40
C SER A 138 22.31 -2.17 12.29
N LEU A 139 22.75 -2.77 11.18
CA LEU A 139 23.23 -1.99 10.04
C LEU A 139 22.08 -1.48 9.18
N ALA A 140 21.06 -2.32 8.98
CA ALA A 140 19.91 -1.89 8.18
C ALA A 140 19.15 -0.75 8.85
N CYS A 141 19.11 -0.74 10.19
CA CYS A 141 18.45 0.35 10.90
C CYS A 141 19.16 1.66 10.68
N LYS A 142 20.48 1.63 10.48
CA LYS A 142 21.21 2.87 10.21
C LYS A 142 20.83 3.47 8.86
N LEU A 143 20.50 2.63 7.88
CA LEU A 143 20.01 3.14 6.61
C LEU A 143 18.65 3.82 6.78
N VAL A 144 17.81 3.27 7.66
CA VAL A 144 16.49 3.85 7.89
C VAL A 144 16.62 5.24 8.51
N GLN A 145 17.53 5.40 9.48
CA GLN A 145 17.74 6.70 10.10
C GLN A 145 18.26 7.73 9.12
N ALA A 146 18.85 7.29 8.00
CA ALA A 146 19.36 8.20 6.98
C ALA A 146 18.27 8.78 6.09
N LEU A 147 17.04 8.29 6.20
CA LEU A 147 15.95 8.86 5.42
C LEU A 147 15.73 10.31 5.83
N PRO A 148 15.42 11.20 4.88
CA PRO A 148 15.17 12.60 5.24
C PRO A 148 13.90 12.73 6.07
N ARG A 149 13.81 13.83 6.81
CA ARG A 149 12.70 14.09 7.71
C ARG A 149 11.91 15.33 7.33
N ASP A 150 12.13 15.88 6.14
CA ASP A 150 11.51 17.11 5.67
C ASP A 150 10.64 16.79 4.43
N ALA A 151 10.53 17.76 3.52
CA ALA A 151 9.65 17.57 2.37
C ALA A 151 10.17 16.52 1.41
N ARG A 152 11.46 16.17 1.50
CA ARG A 152 12.02 15.11 0.68
C ARG A 152 11.44 13.75 1.04
N LEU A 153 10.95 13.57 2.27
CA LEU A 153 10.32 12.30 2.62
C LEU A 153 8.96 12.15 1.98
N ILE A 154 8.25 13.27 1.75
CA ILE A 154 7.01 13.22 0.99
C ILE A 154 7.30 12.80 -0.44
N ALA A 155 8.32 13.40 -1.05
CA ALA A 155 8.69 13.07 -2.42
C ALA A 155 9.09 11.61 -2.55
N ILE A 156 9.64 11.02 -1.49
CA ILE A 156 9.97 9.59 -1.52
C ILE A 156 8.70 8.74 -1.49
N CYS A 157 7.74 9.11 -0.64
CA CYS A 157 6.53 8.31 -0.51
C CYS A 157 5.67 8.35 -1.77
N VAL A 158 5.74 9.44 -2.54
CA VAL A 158 4.92 9.58 -3.73
C VAL A 158 5.67 9.23 -5.00
N ASP A 159 6.96 8.91 -4.92
CA ASP A 159 7.72 8.56 -6.11
C ASP A 159 7.38 7.15 -6.56
N GLN A 160 7.37 6.95 -7.88
CA GLN A 160 7.03 5.63 -8.43
C GLN A 160 8.00 4.56 -7.98
N ASN A 161 9.25 4.93 -7.71
CA ASN A 161 10.28 3.98 -7.32
C ASN A 161 10.63 4.04 -5.84
N ALA A 162 10.79 5.25 -5.29
CA ALA A 162 11.19 5.40 -3.90
C ALA A 162 10.15 4.89 -2.91
N ASN A 163 8.87 4.83 -3.32
CA ASN A 163 7.83 4.39 -2.40
C ASN A 163 8.05 2.93 -1.98
N HIS A 164 8.70 2.14 -2.83
CA HIS A 164 8.98 0.75 -2.48
C HIS A 164 10.07 0.63 -1.43
N VAL A 165 10.91 1.64 -1.27
CA VAL A 165 11.88 1.64 -0.16
C VAL A 165 11.15 1.73 1.17
N ILE A 166 10.17 2.64 1.26
CA ILE A 166 9.38 2.76 2.48
C ILE A 166 8.60 1.48 2.73
N GLN A 167 8.05 0.89 1.66
CA GLN A 167 7.33 -0.37 1.80
C GLN A 167 8.26 -1.49 2.27
N LYS A 168 9.51 -1.48 1.80
CA LYS A 168 10.48 -2.48 2.25
C LYS A 168 10.82 -2.28 3.72
N VAL A 169 10.99 -1.03 4.15
CA VAL A 169 11.24 -0.74 5.57
C VAL A 169 10.11 -1.29 6.42
N VAL A 170 8.87 -1.01 6.02
CA VAL A 170 7.71 -1.49 6.78
C VAL A 170 7.71 -3.00 6.88
N ALA A 171 8.20 -3.69 5.83
CA ALA A 171 8.08 -5.14 5.77
C ALA A 171 9.15 -5.87 6.57
N VAL A 172 10.38 -5.35 6.62
CA VAL A 172 11.51 -6.09 7.18
C VAL A 172 12.17 -5.40 8.36
N ILE A 173 11.79 -4.17 8.70
CA ILE A 173 12.43 -3.45 9.81
C ILE A 173 11.45 -3.36 10.97
N PRO A 174 11.90 -3.56 12.22
CA PRO A 174 10.98 -3.46 13.35
C PRO A 174 10.45 -2.04 13.52
N LEU A 175 9.21 -1.96 14.00
CA LEU A 175 8.50 -0.69 14.09
C LEU A 175 9.28 0.35 14.91
N LYS A 176 10.03 -0.10 15.92
CA LYS A 176 10.74 0.85 16.78
C LYS A 176 11.69 1.74 15.98
N ASN A 177 12.23 1.23 14.87
CA ASN A 177 13.23 1.96 14.10
C ASN A 177 12.63 2.82 12.99
N TRP A 178 11.34 2.67 12.68
CA TRP A 178 10.70 3.54 11.69
C TRP A 178 9.43 4.18 12.22
N GLU A 179 9.28 4.27 13.54
CA GLU A 179 8.09 4.92 14.11
C GLU A 179 7.98 6.37 13.69
N PHE A 180 9.12 7.03 13.44
CA PHE A 180 9.08 8.43 13.02
C PHE A 180 8.38 8.60 11.67
N ILE A 181 8.43 7.57 10.82
CA ILE A 181 7.70 7.63 9.55
C ILE A 181 6.20 7.69 9.80
N VAL A 182 5.72 6.95 10.80
CA VAL A 182 4.30 6.98 11.13
C VAL A 182 3.88 8.39 11.54
N ASP A 183 4.62 8.98 12.47
CA ASP A 183 4.29 10.32 12.95
C ASP A 183 4.54 11.40 11.90
N PHE A 184 5.43 11.14 10.92
CA PHE A 184 5.57 12.05 9.80
C PHE A 184 4.36 11.96 8.87
N VAL A 185 3.90 10.74 8.58
CA VAL A 185 2.73 10.57 7.73
C VAL A 185 1.49 11.08 8.43
N ALA A 186 1.40 10.89 9.74
CA ALA A 186 0.22 11.31 10.49
C ALA A 186 0.12 12.82 10.64
N THR A 187 1.16 13.57 10.30
CA THR A 187 1.03 15.03 10.30
C THR A 187 0.04 15.46 9.23
N PRO A 188 -0.97 16.26 9.57
CA PRO A 188 -2.08 16.49 8.62
C PRO A 188 -1.69 16.94 7.23
N GLU A 189 -0.81 17.94 7.12
CA GLU A 189 -0.39 18.42 5.80
C GLU A 189 0.30 17.32 5.01
N HIS A 190 1.19 16.56 5.65
CA HIS A 190 1.85 15.45 4.96
C HIS A 190 0.85 14.35 4.59
N LEU A 191 -0.11 14.07 5.48
CA LEU A 191 -1.13 13.07 5.17
C LEU A 191 -1.96 13.50 3.97
N ARG A 192 -2.31 14.79 3.91
CA ARG A 192 -3.08 15.30 2.77
C ARG A 192 -2.33 15.06 1.47
N GLN A 193 -1.06 15.48 1.40
CA GLN A 193 -0.29 15.32 0.18
C GLN A 193 -0.09 13.85 -0.17
N ILE A 194 0.22 13.03 0.83
CA ILE A 194 0.55 11.63 0.55
C ILE A 194 -0.69 10.84 0.15
N CYS A 195 -1.80 11.07 0.84
CA CYS A 195 -3.03 10.33 0.56
C CYS A 195 -3.82 10.88 -0.62
N SER A 196 -3.35 11.96 -1.25
CA SER A 196 -3.92 12.38 -2.52
C SER A 196 -3.13 11.83 -3.70
N ASP A 197 -2.17 10.94 -3.47
CA ASP A 197 -1.24 10.49 -4.48
C ASP A 197 -1.41 8.99 -4.75
N LYS A 198 -1.22 8.62 -6.01
CA LYS A 198 -1.28 7.23 -6.46
C LYS A 198 -0.40 6.32 -5.59
N TYR A 199 0.90 6.60 -5.55
CA TYR A 199 1.82 5.74 -4.83
C TYR A 199 1.83 6.01 -3.33
N GLY A 200 1.51 7.24 -2.92
CA GLY A 200 1.48 7.55 -1.50
C GLY A 200 0.40 6.78 -0.76
N CYS A 201 -0.75 6.56 -1.40
CA CYS A 201 -1.83 5.83 -0.75
C CYS A 201 -1.45 4.38 -0.50
N ARG A 202 -0.70 3.76 -1.42
CA ARG A 202 -0.24 2.40 -1.19
C ARG A 202 0.72 2.35 -0.01
N VAL A 203 1.54 3.39 0.16
CA VAL A 203 2.45 3.44 1.30
C VAL A 203 1.66 3.49 2.61
N VAL A 204 0.67 4.39 2.68
CA VAL A 204 -0.15 4.49 3.88
C VAL A 204 -0.94 3.20 4.11
N GLN A 205 -1.43 2.60 3.04
CA GLN A 205 -2.16 1.34 3.16
C GLN A 205 -1.26 0.24 3.70
N THR A 206 -0.01 0.18 3.23
CA THR A 206 0.93 -0.81 3.74
C THR A 206 1.25 -0.56 5.21
N ILE A 207 1.34 0.71 5.61
CA ILE A 207 1.60 1.03 7.01
C ILE A 207 0.43 0.59 7.88
N ILE A 208 -0.80 0.84 7.45
CA ILE A 208 -1.96 0.48 8.24
C ILE A 208 -2.03 -1.03 8.45
N GLU A 209 -1.75 -1.80 7.40
CA GLU A 209 -1.80 -3.25 7.51
C GLU A 209 -0.77 -3.77 8.51
N LYS A 210 0.44 -3.21 8.48
CA LYS A 210 1.48 -3.66 9.40
C LYS A 210 1.14 -3.30 10.84
N LEU A 211 0.44 -2.18 11.05
CA LEU A 211 0.06 -1.74 12.38
C LEU A 211 -1.23 -2.38 12.86
N THR A 212 -1.80 -3.31 12.10
CA THR A 212 -3.05 -3.95 12.48
C THR A 212 -2.77 -5.20 13.30
N ALA A 213 -3.47 -5.33 14.43
CA ALA A 213 -3.36 -6.53 15.27
C ALA A 213 -4.22 -7.64 14.67
N ASP A 214 -3.75 -8.18 13.54
CA ASP A 214 -4.42 -9.27 12.86
C ASP A 214 -3.58 -10.54 13.01
N SER A 215 -3.97 -11.58 12.27
CA SER A 215 -3.35 -12.89 12.43
C SER A 215 -1.87 -12.88 12.07
N MET A 216 -1.41 -11.91 11.30
CA MET A 216 -0.02 -11.84 10.90
C MET A 216 0.89 -11.22 11.95
N ASN A 217 0.33 -10.64 13.01
CA ASN A 217 1.11 -10.00 14.07
C ASN A 217 1.02 -10.74 15.40
N VAL A 218 0.53 -11.98 15.41
CA VAL A 218 0.40 -12.71 16.67
C VAL A 218 1.75 -13.09 17.26
N ASP A 219 2.82 -13.03 16.47
CA ASP A 219 4.15 -13.37 16.97
C ASP A 219 4.80 -12.23 17.75
N LEU A 220 4.18 -11.07 17.82
CA LEU A 220 4.78 -9.93 18.51
C LEU A 220 4.72 -10.13 20.03
N THR A 221 5.74 -9.61 20.70
CA THR A 221 5.70 -9.56 22.16
C THR A 221 4.70 -8.49 22.61
N SER A 222 4.49 -8.43 23.94
CA SER A 222 3.57 -7.44 24.48
C SER A 222 4.09 -6.03 24.28
N ALA A 223 5.41 -5.84 24.40
CA ALA A 223 5.99 -4.52 24.16
C ALA A 223 5.83 -4.11 22.70
N ALA A 224 6.01 -5.06 21.78
CA ALA A 224 5.84 -4.75 20.36
C ALA A 224 4.37 -4.49 20.03
N GLN A 225 3.45 -5.20 20.68
CA GLN A 225 2.02 -4.94 20.47
C GLN A 225 1.63 -3.56 20.99
N ASN A 226 2.12 -3.19 22.17
CA ASN A 226 1.81 -1.88 22.73
C ASN A 226 2.37 -0.77 21.84
N LEU A 227 3.61 -0.91 21.40
CA LEU A 227 4.19 0.07 20.47
C LEU A 227 3.36 0.15 19.19
N ARG A 228 2.97 -1.01 18.65
CA ARG A 228 2.15 -1.03 17.45
C ARG A 228 0.80 -0.37 17.68
N GLU A 229 0.20 -0.61 18.85
CA GLU A 229 -1.12 -0.05 19.13
C GLU A 229 -1.06 1.47 19.22
N ARG A 230 -0.05 2.01 19.90
CA ARG A 230 0.07 3.45 20.04
C ARG A 230 0.30 4.12 18.68
N ALA A 231 1.16 3.53 17.85
CA ALA A 231 1.36 4.06 16.51
C ALA A 231 0.10 3.95 15.66
N LEU A 232 -0.70 2.90 15.89
CA LEU A 232 -1.96 2.75 15.16
C LEU A 232 -2.95 3.85 15.55
N GLN A 233 -3.10 4.10 16.85
CA GLN A 233 -4.05 5.11 17.30
C GLN A 233 -3.68 6.50 16.78
N ARG A 234 -2.39 6.84 16.79
CA ARG A 234 -1.97 8.14 16.31
C ARG A 234 -2.27 8.30 14.82
N LEU A 235 -1.94 7.28 14.03
CA LEU A 235 -2.21 7.35 12.59
C LEU A 235 -3.70 7.37 12.32
N MET A 236 -4.47 6.55 13.04
CA MET A 236 -5.93 6.52 12.83
C MET A 236 -6.57 7.86 13.20
N THR A 237 -6.01 8.57 14.18
CA THR A 237 -6.55 9.87 14.55
C THR A 237 -6.49 10.85 13.38
N SER A 238 -5.35 10.90 12.69
CA SER A 238 -5.22 11.80 11.55
C SER A 238 -6.09 11.34 10.39
N VAL A 239 -6.21 10.02 10.20
CA VAL A 239 -7.03 9.50 9.10
C VAL A 239 -8.49 9.83 9.34
N THR A 240 -8.99 9.59 10.55
CA THR A 240 -10.40 9.85 10.84
C THR A 240 -10.71 11.34 10.82
N ASN A 241 -9.74 12.19 11.17
CA ASN A 241 -9.97 13.63 11.17
C ASN A 241 -10.07 14.22 9.78
N ARG A 242 -9.48 13.56 8.77
CA ARG A 242 -9.58 13.98 7.39
C ARG A 242 -10.42 13.01 6.57
N CYS A 243 -11.35 12.31 7.22
CA CYS A 243 -12.06 11.21 6.57
C CYS A 243 -12.89 11.70 5.40
N GLN A 244 -13.48 12.89 5.51
CA GLN A 244 -14.29 13.42 4.41
C GLN A 244 -13.44 13.64 3.17
N GLU A 245 -12.29 14.31 3.32
CA GLU A 245 -11.39 14.52 2.20
C GLU A 245 -10.90 13.19 1.62
N LEU A 246 -10.62 12.21 2.48
CA LEU A 246 -10.06 10.95 2.00
C LEU A 246 -11.12 10.10 1.30
N ALA A 247 -12.32 10.02 1.88
CA ALA A 247 -13.34 9.14 1.32
C ALA A 247 -13.77 9.58 -0.07
N THR A 248 -13.70 10.88 -0.36
CA THR A 248 -14.11 11.41 -1.65
C THR A 248 -12.98 11.46 -2.67
N ASN A 249 -11.76 11.15 -2.27
CA ASN A 249 -10.59 11.27 -3.15
C ASN A 249 -10.45 10.04 -4.03
N GLU A 250 -9.88 10.24 -5.22
CA GLU A 250 -9.77 9.18 -6.21
C GLU A 250 -8.91 8.02 -5.74
N TYR A 251 -7.94 8.26 -4.86
CA TYR A 251 -7.05 7.22 -4.38
C TYR A 251 -7.27 6.87 -2.92
N ALA A 252 -7.46 7.87 -2.05
CA ALA A 252 -7.62 7.63 -0.62
C ALA A 252 -8.92 6.93 -0.26
N ASN A 253 -9.90 6.88 -1.18
CA ASN A 253 -11.14 6.17 -0.87
C ASN A 253 -10.89 4.67 -0.62
N TYR A 254 -9.84 4.12 -1.24
CA TYR A 254 -9.50 2.73 -0.99
C TYR A 254 -9.03 2.52 0.45
N ILE A 255 -8.44 3.55 1.06
CA ILE A 255 -7.97 3.42 2.44
C ILE A 255 -9.16 3.42 3.40
N ILE A 256 -10.10 4.34 3.22
CA ILE A 256 -11.29 4.37 4.06
C ILE A 256 -12.07 3.07 3.91
N GLN A 257 -12.14 2.55 2.69
CA GLN A 257 -12.82 1.27 2.48
C GLN A 257 -12.13 0.14 3.24
N HIS A 258 -10.80 0.11 3.22
CA HIS A 258 -10.08 -0.95 3.92
C HIS A 258 -10.35 -0.90 5.42
N ILE A 259 -10.35 0.29 6.01
CA ILE A 259 -10.59 0.43 7.44
C ILE A 259 -12.01 0.00 7.79
N VAL A 260 -12.99 0.45 7.00
CA VAL A 260 -14.38 0.10 7.27
C VAL A 260 -14.62 -1.38 7.06
N SER A 261 -13.87 -2.02 6.16
CA SER A 261 -14.08 -3.43 5.84
C SER A 261 -13.36 -4.39 6.78
N ASN A 262 -12.42 -3.90 7.60
CA ASN A 262 -11.55 -4.76 8.39
C ASN A 262 -12.08 -4.89 9.81
N ASP A 263 -12.46 -6.11 10.19
CA ASP A 263 -12.97 -6.34 11.54
C ASP A 263 -11.93 -6.00 12.61
N ASP A 264 -10.66 -6.23 12.32
CA ASP A 264 -9.61 -5.94 13.29
C ASP A 264 -9.39 -4.44 13.48
N LEU A 265 -10.08 -3.59 12.72
CA LEU A 265 -10.06 -2.15 12.90
C LEU A 265 -11.46 -1.62 13.20
N ALA A 266 -12.27 -2.44 13.89
CA ALA A 266 -13.68 -2.14 14.06
C ALA A 266 -13.91 -0.80 14.75
N VAL A 267 -13.05 -0.47 15.73
CA VAL A 267 -13.23 0.79 16.46
C VAL A 267 -13.11 1.99 15.55
N TYR A 268 -12.22 1.91 14.55
CA TYR A 268 -12.03 3.01 13.61
C TYR A 268 -13.04 2.99 12.48
N ARG A 269 -13.60 1.82 12.17
CA ARG A 269 -14.74 1.75 11.27
C ARG A 269 -15.92 2.52 11.85
N GLU A 270 -16.28 2.24 13.10
CA GLU A 270 -17.40 2.92 13.73
C GLU A 270 -17.09 4.41 13.91
N CYS A 271 -15.83 4.74 14.19
CA CYS A 271 -15.44 6.15 14.29
C CYS A 271 -15.64 6.85 12.95
N ILE A 272 -15.25 6.20 11.85
CA ILE A 272 -15.42 6.79 10.52
C ILE A 272 -16.90 6.94 10.20
N ILE A 273 -17.70 5.94 10.52
CA ILE A 273 -19.13 5.98 10.21
C ILE A 273 -19.81 7.14 10.92
N GLU A 274 -19.47 7.37 12.18
CA GLU A 274 -20.13 8.41 12.95
C GLU A 274 -19.62 9.80 12.58
N LYS A 275 -18.30 10.00 12.69
CA LYS A 275 -17.74 11.33 12.52
C LYS A 275 -17.83 11.84 11.08
N CYS A 276 -17.96 10.94 10.10
CA CYS A 276 -17.87 11.33 8.70
C CYS A 276 -19.09 10.94 7.88
N LEU A 277 -19.49 9.66 7.93
CA LEU A 277 -20.52 9.19 7.00
C LEU A 277 -21.93 9.56 7.46
N MET A 278 -22.19 9.49 8.76
CA MET A 278 -23.51 9.81 9.28
C MET A 278 -23.91 11.24 8.91
N ARG A 279 -25.20 11.42 8.63
CA ARG A 279 -25.81 12.68 8.22
C ARG A 279 -25.28 13.15 6.87
N ASN A 280 -24.48 12.33 6.19
CA ASN A 280 -23.93 12.67 4.88
C ASN A 280 -24.14 11.58 3.85
N LEU A 281 -24.99 10.58 4.15
CA LEU A 281 -25.10 9.42 3.28
C LEU A 281 -25.69 9.80 1.91
N LEU A 282 -26.68 10.67 1.90
CA LEU A 282 -27.30 11.07 0.63
C LEU A 282 -26.29 11.77 -0.28
N SER A 283 -25.54 12.72 0.28
CA SER A 283 -24.55 13.44 -0.51
C SER A 283 -23.42 12.51 -0.96
N LEU A 284 -22.94 11.67 -0.04
CA LEU A 284 -21.81 10.80 -0.36
C LEU A 284 -22.20 9.70 -1.35
N SER A 285 -23.46 9.26 -1.32
CA SER A 285 -23.90 8.23 -2.24
C SER A 285 -23.92 8.71 -3.68
N GLN A 286 -23.95 10.02 -3.91
CA GLN A 286 -23.94 10.59 -5.24
C GLN A 286 -22.53 10.95 -5.71
N GLU A 287 -21.50 10.55 -4.96
CA GLU A 287 -20.10 10.83 -5.30
C GLU A 287 -19.51 9.64 -6.03
N LYS A 288 -18.66 9.92 -7.03
CA LYS A 288 -18.08 8.83 -7.81
C LYS A 288 -17.24 7.90 -6.95
N PHE A 289 -16.40 8.46 -6.08
CA PHE A 289 -15.50 7.67 -5.27
C PHE A 289 -16.05 7.35 -3.88
N ALA A 290 -16.74 8.31 -3.25
CA ALA A 290 -17.24 8.08 -1.91
C ALA A 290 -18.42 7.11 -1.88
N SER A 291 -19.11 6.90 -3.00
CA SER A 291 -20.21 5.95 -3.01
C SER A 291 -19.73 4.54 -2.71
N HIS A 292 -18.51 4.19 -3.14
CA HIS A 292 -17.95 2.89 -2.78
C HIS A 292 -17.75 2.78 -1.28
N VAL A 293 -17.40 3.88 -0.62
CA VAL A 293 -17.24 3.88 0.83
C VAL A 293 -18.58 3.67 1.52
N VAL A 294 -19.64 4.28 0.98
CA VAL A 294 -20.97 4.11 1.57
C VAL A 294 -21.42 2.66 1.48
N GLU A 295 -21.13 2.00 0.35
CA GLU A 295 -21.45 0.58 0.22
C GLU A 295 -20.75 -0.24 1.30
N LYS A 296 -19.46 0.01 1.51
CA LYS A 296 -18.71 -0.74 2.52
C LYS A 296 -19.27 -0.50 3.91
N ALA A 297 -19.67 0.74 4.21
CA ALA A 297 -20.25 1.03 5.51
C ALA A 297 -21.53 0.25 5.73
N PHE A 298 -22.41 0.21 4.73
CA PHE A 298 -23.64 -0.58 4.85
C PHE A 298 -23.31 -2.06 5.05
N LEU A 299 -22.29 -2.56 4.37
CA LEU A 299 -21.97 -3.98 4.45
C LEU A 299 -21.42 -4.36 5.82
N HIS A 300 -20.63 -3.48 6.44
CA HIS A 300 -19.87 -3.85 7.63
C HIS A 300 -20.26 -3.10 8.89
N ALA A 301 -21.18 -2.15 8.83
CA ALA A 301 -21.56 -1.43 10.03
C ALA A 301 -22.18 -2.38 11.05
N PRO A 302 -21.90 -2.20 12.34
CA PRO A 302 -22.63 -2.95 13.36
C PRO A 302 -24.12 -2.59 13.31
N LEU A 303 -24.95 -3.53 13.77
CA LEU A 303 -26.38 -3.43 13.50
C LEU A 303 -27.00 -2.18 14.10
N GLU A 304 -26.48 -1.70 15.23
CA GLU A 304 -27.02 -0.47 15.81
C GLU A 304 -26.75 0.72 14.90
N LEU A 305 -25.54 0.83 14.36
CA LEU A 305 -25.25 1.91 13.42
C LEU A 305 -25.96 1.68 12.09
N LEU A 306 -26.10 0.43 11.67
CA LEU A 306 -26.81 0.13 10.44
C LEU A 306 -28.24 0.63 10.49
N ALA A 307 -28.91 0.45 11.65
CA ALA A 307 -30.28 0.93 11.79
C ALA A 307 -30.35 2.44 11.61
N GLU A 308 -29.36 3.17 12.14
CA GLU A 308 -29.34 4.61 11.97
C GLU A 308 -29.10 4.98 10.51
N MET A 309 -28.25 4.20 9.82
CA MET A 309 -28.01 4.41 8.40
C MET A 309 -29.31 4.21 7.61
N MET A 310 -30.00 3.09 7.84
CA MET A 310 -31.25 2.83 7.14
C MET A 310 -32.28 3.92 7.40
N ASP A 311 -32.47 4.28 8.68
CA ASP A 311 -33.43 5.33 9.03
C ASP A 311 -33.06 6.66 8.37
N GLU A 312 -31.77 6.93 8.18
CA GLU A 312 -31.37 8.18 7.54
C GLU A 312 -31.78 8.19 6.07
N ILE A 313 -31.78 7.04 5.41
CA ILE A 313 -32.17 6.99 4.01
C ILE A 313 -33.68 7.06 3.88
N PHE A 314 -34.40 6.29 4.71
CA PHE A 314 -35.84 6.15 4.55
C PHE A 314 -36.59 7.40 4.98
N ASP A 315 -36.12 8.10 6.01
CA ASP A 315 -36.76 9.32 6.49
C ASP A 315 -35.69 10.36 6.79
N GLY A 316 -34.99 10.79 5.74
CA GLY A 316 -33.84 11.67 5.89
C GLY A 316 -34.12 13.08 5.40
N TYR A 317 -33.47 14.03 6.06
CA TYR A 317 -33.58 15.43 5.66
C TYR A 317 -32.91 15.65 4.31
N ILE A 318 -33.57 16.43 3.45
CA ILE A 318 -32.94 16.89 2.22
C ILE A 318 -32.78 18.41 2.32
N PRO A 319 -31.63 18.90 2.78
CA PRO A 319 -31.41 20.35 2.79
C PRO A 319 -31.32 20.90 1.39
N HIS A 320 -31.95 22.07 1.18
CA HIS A 320 -32.08 22.69 -0.13
C HIS A 320 -32.71 21.71 -1.11
N PRO A 321 -34.00 21.40 -0.97
CA PRO A 321 -34.62 20.39 -1.83
C PRO A 321 -34.92 20.93 -3.22
N ASP A 322 -34.62 20.11 -4.22
CA ASP A 322 -34.90 20.46 -5.61
C ASP A 322 -35.59 19.30 -6.33
N THR A 323 -34.79 18.43 -6.93
CA THR A 323 -35.32 17.27 -7.65
C THR A 323 -35.38 16.05 -6.73
N GLY A 324 -36.22 15.10 -7.12
CA GLY A 324 -36.42 13.90 -6.33
C GLY A 324 -37.48 14.07 -5.26
N LYS A 325 -38.32 13.04 -5.07
CA LYS A 325 -39.37 13.15 -4.06
C LYS A 325 -38.83 12.93 -2.65
N ASP A 326 -37.77 12.14 -2.50
CA ASP A 326 -37.14 11.92 -1.20
C ASP A 326 -35.74 11.39 -1.44
N ALA A 327 -35.01 11.17 -0.33
CA ALA A 327 -33.63 10.70 -0.42
C ALA A 327 -33.56 9.34 -1.09
N LEU A 328 -34.51 8.45 -0.80
CA LEU A 328 -34.51 7.13 -1.42
C LEU A 328 -34.71 7.23 -2.93
N ASP A 329 -35.61 8.10 -3.38
CA ASP A 329 -35.87 8.25 -4.80
C ASP A 329 -34.66 8.85 -5.53
N ILE A 330 -33.99 9.82 -4.91
CA ILE A 330 -32.77 10.38 -5.51
C ILE A 330 -31.73 9.29 -5.70
N MET A 331 -31.43 8.56 -4.63
CA MET A 331 -30.38 7.54 -4.69
C MET A 331 -30.79 6.39 -5.60
N MET A 332 -32.08 6.04 -5.62
CA MET A 332 -32.52 4.87 -6.37
C MET A 332 -32.20 4.99 -7.85
N PHE A 333 -32.25 6.20 -8.40
CA PHE A 333 -32.06 6.41 -9.83
C PHE A 333 -30.79 7.17 -10.17
N HIS A 334 -30.00 7.59 -9.18
CA HIS A 334 -28.76 8.29 -9.46
C HIS A 334 -27.74 7.35 -10.10
N GLN A 335 -26.86 7.93 -10.91
CA GLN A 335 -25.89 7.13 -11.66
C GLN A 335 -24.96 6.35 -10.74
N PHE A 336 -24.65 6.89 -9.57
CA PHE A 336 -23.84 6.20 -8.56
C PHE A 336 -24.67 5.70 -7.39
N GLY A 337 -25.66 6.48 -6.95
CA GLY A 337 -26.44 6.09 -5.78
C GLY A 337 -27.22 4.81 -5.96
N ASN A 338 -27.51 4.43 -7.22
CA ASN A 338 -28.24 3.19 -7.46
C ASN A 338 -27.47 1.98 -6.96
N TYR A 339 -26.14 2.03 -6.99
CA TYR A 339 -25.34 0.94 -6.44
C TYR A 339 -25.48 0.86 -4.93
N VAL A 340 -25.70 1.99 -4.26
CA VAL A 340 -25.93 1.97 -2.81
C VAL A 340 -27.29 1.35 -2.49
N VAL A 341 -28.31 1.70 -3.27
CA VAL A 341 -29.65 1.16 -3.02
C VAL A 341 -29.66 -0.35 -3.28
N GLN A 342 -29.04 -0.80 -4.36
CA GLN A 342 -28.89 -2.23 -4.58
C GLN A 342 -28.19 -2.90 -3.40
N CYS A 343 -27.17 -2.25 -2.85
CA CYS A 343 -26.47 -2.79 -1.69
C CYS A 343 -27.39 -2.88 -0.49
N MET A 344 -28.20 -1.83 -0.26
CA MET A 344 -29.18 -1.86 0.83
C MET A 344 -30.17 -3.00 0.65
N LEU A 345 -30.69 -3.16 -0.58
CA LEU A 345 -31.69 -4.19 -0.84
C LEU A 345 -31.11 -5.59 -0.64
N THR A 346 -29.90 -5.83 -1.17
CA THR A 346 -29.28 -7.15 -1.04
C THR A 346 -29.02 -7.49 0.42
N ILE A 347 -28.60 -6.49 1.22
CA ILE A 347 -28.40 -6.71 2.65
C ILE A 347 -29.69 -7.18 3.30
N CYS A 348 -30.82 -6.56 2.96
CA CYS A 348 -32.08 -6.89 3.60
C CYS A 348 -32.58 -8.27 3.16
N CYS A 349 -32.41 -8.60 1.87
CA CYS A 349 -32.84 -9.92 1.40
C CYS A 349 -31.98 -11.02 2.00
N ASP A 350 -30.67 -10.79 2.13
CA ASP A 350 -29.80 -11.76 2.77
C ASP A 350 -30.18 -11.97 4.23
N ALA A 351 -30.61 -10.91 4.91
CA ALA A 351 -30.98 -11.03 6.32
C ALA A 351 -32.30 -11.78 6.48
N VAL A 352 -33.29 -11.47 5.64
CA VAL A 352 -34.59 -12.12 5.75
C VAL A 352 -34.50 -13.59 5.39
N SER A 353 -33.65 -13.93 4.42
CA SER A 353 -33.49 -15.31 3.96
C SER A 353 -32.48 -16.09 4.78
N GLY A 354 -32.04 -15.57 5.93
CA GLY A 354 -31.11 -16.28 6.77
C GLY A 354 -29.70 -16.39 6.24
N ARG A 355 -29.34 -15.60 5.21
CA ARG A 355 -27.99 -15.61 4.69
C ARG A 355 -27.07 -14.62 5.38
N ARG A 356 -27.62 -13.64 6.08
CA ARG A 356 -26.86 -12.64 6.82
C ARG A 356 -27.29 -12.67 8.29
N GLN A 357 -26.30 -12.60 9.18
CA GLN A 357 -26.59 -12.62 10.60
C GLN A 357 -27.39 -11.38 11.00
N THR A 358 -28.40 -11.59 11.85
CA THR A 358 -29.24 -10.50 12.33
C THR A 358 -29.15 -10.31 13.84
N LYS A 359 -28.30 -11.06 14.53
CA LYS A 359 -28.14 -10.96 15.97
C LYS A 359 -26.83 -10.26 16.30
N GLU A 360 -26.90 -9.19 17.08
CA GLU A 360 -25.73 -8.56 17.66
C GLU A 360 -26.08 -8.06 19.06
N GLY A 361 -25.09 -8.12 19.95
CA GLY A 361 -25.32 -7.75 21.34
C GLY A 361 -26.29 -8.66 22.05
N GLY A 362 -26.58 -9.82 21.47
CA GLY A 362 -27.51 -10.76 22.06
C GLY A 362 -28.95 -10.59 21.63
N TYR A 363 -29.27 -9.58 20.83
CA TYR A 363 -30.64 -9.27 20.46
C TYR A 363 -30.79 -9.33 18.95
N ASP A 364 -31.93 -9.86 18.50
CA ASP A 364 -32.18 -10.08 17.09
C ASP A 364 -32.76 -8.82 16.45
N HIS A 365 -32.11 -8.37 15.36
CA HIS A 365 -32.56 -7.22 14.60
C HIS A 365 -33.37 -7.62 13.36
N ALA A 366 -33.87 -8.86 13.32
CA ALA A 366 -34.58 -9.33 12.14
C ALA A 366 -35.82 -8.49 11.86
N ILE A 367 -36.52 -8.07 12.93
CA ILE A 367 -37.73 -7.26 12.76
C ILE A 367 -37.41 -5.94 12.08
N SER A 368 -36.19 -5.43 12.27
CA SER A 368 -35.80 -4.19 11.60
C SER A 368 -35.49 -4.42 10.13
N PHE A 369 -34.73 -5.48 9.82
CA PHE A 369 -34.50 -5.84 8.42
C PHE A 369 -35.81 -6.10 7.69
N GLN A 370 -36.78 -6.72 8.39
CA GLN A 370 -38.10 -6.92 7.80
C GLN A 370 -38.75 -5.59 7.46
N ASP A 371 -38.60 -4.59 8.32
CA ASP A 371 -39.21 -3.29 8.07
C ASP A 371 -38.52 -2.56 6.92
N TRP A 372 -37.19 -2.66 6.83
CA TRP A 372 -36.47 -2.01 5.75
C TRP A 372 -36.76 -2.68 4.41
N LEU A 373 -36.81 -4.02 4.39
CA LEU A 373 -37.16 -4.73 3.17
C LEU A 373 -38.57 -4.38 2.72
N LYS A 374 -39.50 -4.25 3.67
CA LYS A 374 -40.88 -3.90 3.34
C LYS A 374 -40.96 -2.52 2.69
N LYS A 375 -40.15 -1.57 3.18
CA LYS A 375 -40.12 -0.24 2.58
C LYS A 375 -39.57 -0.30 1.17
N LEU A 376 -38.48 -1.05 0.97
CA LEU A 376 -37.87 -1.14 -0.35
C LEU A 376 -38.80 -1.85 -1.33
N HIS A 377 -39.39 -2.97 -0.92
CA HIS A 377 -40.30 -3.69 -1.80
C HIS A 377 -41.50 -2.82 -2.16
N SER A 378 -42.04 -2.09 -1.19
CA SER A 378 -43.15 -1.18 -1.47
C SER A 378 -42.74 -0.11 -2.47
N ARG A 379 -41.53 0.44 -2.31
CA ARG A 379 -41.06 1.48 -3.23
C ARG A 379 -40.78 0.90 -4.61
N VAL A 380 -40.12 -0.26 -4.68
CA VAL A 380 -39.81 -0.87 -5.98
C VAL A 380 -41.09 -1.25 -6.71
N THR A 381 -42.11 -1.71 -5.98
CA THR A 381 -43.38 -2.07 -6.61
C THR A 381 -44.01 -0.84 -7.27
N LYS A 382 -44.05 0.29 -6.56
CA LYS A 382 -44.66 1.48 -7.12
C LYS A 382 -43.81 2.14 -8.19
N GLU A 383 -42.49 1.90 -8.20
CA GLU A 383 -41.59 2.48 -9.17
C GLU A 383 -41.23 1.52 -10.29
N ARG A 384 -41.88 0.35 -10.35
CA ARG A 384 -41.44 -0.72 -11.26
C ARG A 384 -41.37 -0.26 -12.71
N HIS A 385 -42.24 0.67 -13.11
CA HIS A 385 -42.25 1.13 -14.50
CA HIS A 385 -42.25 1.13 -14.50
C HIS A 385 -40.94 1.84 -14.84
N ARG A 386 -40.51 2.78 -14.00
CA ARG A 386 -39.28 3.51 -14.29
C ARG A 386 -38.06 2.62 -14.04
N LEU A 387 -38.11 1.77 -13.01
CA LEU A 387 -36.99 0.86 -12.76
C LEU A 387 -36.77 -0.12 -13.90
N SER A 388 -37.84 -0.49 -14.62
CA SER A 388 -37.71 -1.40 -15.74
C SER A 388 -36.85 -0.84 -16.86
N ARG A 389 -36.64 0.48 -16.88
CA ARG A 389 -35.85 1.11 -17.93
C ARG A 389 -34.35 1.13 -17.64
N PHE A 390 -33.94 0.78 -16.42
CA PHE A 390 -32.54 0.83 -16.02
C PHE A 390 -32.02 -0.57 -15.73
N SER A 391 -30.71 -0.74 -15.94
CA SER A 391 -30.07 -2.01 -15.60
C SER A 391 -30.16 -2.28 -14.11
N SER A 392 -29.89 -1.27 -13.29
CA SER A 392 -30.01 -1.43 -11.84
C SER A 392 -31.45 -1.76 -11.44
N GLY A 393 -32.42 -1.05 -12.01
CA GLY A 393 -33.82 -1.31 -11.68
C GLY A 393 -34.25 -2.73 -12.02
N LYS A 394 -33.77 -3.25 -13.15
CA LYS A 394 -34.06 -4.64 -13.50
C LYS A 394 -33.50 -5.59 -12.45
N LYS A 395 -32.30 -5.30 -11.95
CA LYS A 395 -31.69 -6.19 -10.95
C LYS A 395 -32.39 -6.08 -9.60
N MET A 396 -32.83 -4.87 -9.23
CA MET A 396 -33.60 -4.73 -8.01
C MET A 396 -34.90 -5.52 -8.08
N ILE A 397 -35.61 -5.42 -9.21
CA ILE A 397 -36.87 -6.15 -9.37
C ILE A 397 -36.62 -7.65 -9.31
N GLU A 398 -35.59 -8.13 -10.01
CA GLU A 398 -35.28 -9.55 -9.99
C GLU A 398 -34.89 -10.02 -8.60
N THR A 399 -34.17 -9.19 -7.85
CA THR A 399 -33.79 -9.55 -6.49
C THR A 399 -35.01 -9.80 -5.62
N LEU A 400 -36.00 -8.90 -5.69
CA LEU A 400 -37.24 -9.10 -4.94
C LEU A 400 -38.09 -10.21 -5.54
N ALA A 401 -38.01 -10.42 -6.86
CA ALA A 401 -38.78 -11.50 -7.46
C ALA A 401 -38.19 -12.87 -7.15
N ASN A 402 -36.89 -12.93 -6.88
CA ASN A 402 -36.24 -14.19 -6.52
C ASN A 402 -36.38 -14.53 -5.04
N LEU A 403 -36.62 -13.52 -4.18
CA LEU A 403 -36.82 -13.79 -2.76
C LEU A 403 -38.12 -14.51 -2.47
N ARG A 404 -39.09 -14.43 -3.39
CA ARG A 404 -40.36 -15.13 -3.19
C ARG A 404 -40.16 -16.60 -2.88
N SER A 405 -39.12 -17.21 -3.44
CA SER A 405 -38.77 -18.58 -3.11
C SER A 405 -37.87 -18.62 -1.88
#